data_6R71
#
_entry.id   6R71
#
_cell.length_a   45.085
_cell.length_b   70.835
_cell.length_c   74.905
_cell.angle_alpha   90.000
_cell.angle_beta   105.500
_cell.angle_gamma   90.000
#
_symmetry.space_group_name_H-M   'P 1 21 1'
#
loop_
_entity.id
_entity.type
_entity.pdbx_description
1 polymer 'Carbonic anhydrase 12'
2 non-polymer 'ZINC ION'
3 non-polymer 1,2-ETHANEDIOL
4 non-polymer 4-chloranyl-~{N}-(2-hydroxyethyl)-2-(phenylsulfonyl)-5-sulfamoyl-benzamide
5 water water
#
_entity_poly.entity_id   1
_entity_poly.type   'polypeptide(L)'
_entity_poly.pdbx_seq_one_letter_code
;MSKWTYFGPDGENSWSKKYPSCGGLLQSPIDLHSDILQYDASLTPLEFQGYNLSANKQFLLTNNGHSVKLNLPSDMHIQG
LQSRYSATQLHLHWGNPNDPHGSEHTVSGQHFAAELHIVHYNSDLYPDASTASNKSEGLAVLAVLIEMGSFNPSYDKIFS
HLQHVKYKGQEAFVPGFNIEELLPERTAEYYRYRGSLTTPPCNPTVLWTVFRNPVQISQEQLLALETALYCTHMDDPSPR
EMINNFRQVQKFDERLVYTSFSQ
;
_entity_poly.pdbx_strand_id   A,B
#
# COMPACT_ATOMS: atom_id res chain seq x y z
N LYS A 3 -13.41 -4.32 17.81
CA LYS A 3 -13.01 -5.42 16.85
C LYS A 3 -12.34 -4.82 15.62
N TRP A 4 -11.58 -5.67 14.90
CA TRP A 4 -10.88 -5.22 13.71
C TRP A 4 -10.58 -6.42 12.82
N THR A 5 -10.53 -6.18 11.51
CA THR A 5 -10.39 -7.28 10.56
C THR A 5 -9.53 -6.82 9.40
N TYR A 6 -9.43 -7.66 8.36
CA TYR A 6 -8.67 -7.28 7.17
C TYR A 6 -9.61 -7.10 5.99
N PHE A 7 -10.94 -7.12 6.23
CA PHE A 7 -11.93 -7.04 5.16
C PHE A 7 -13.25 -6.45 5.67
N GLY A 8 -13.85 -5.57 4.88
CA GLY A 8 -15.17 -5.02 5.20
C GLY A 8 -15.09 -3.76 6.05
N PRO A 9 -16.19 -3.38 6.74
CA PRO A 9 -16.25 -2.09 7.42
C PRO A 9 -15.16 -1.90 8.48
N ASP A 10 -14.67 -2.99 9.07
CA ASP A 10 -13.66 -2.93 10.12
C ASP A 10 -12.26 -3.29 9.60
N GLY A 11 -12.08 -3.26 8.28
CA GLY A 11 -10.78 -3.47 7.63
C GLY A 11 -9.79 -2.32 7.86
N GLU A 12 -8.62 -2.41 7.22
CA GLU A 12 -7.44 -1.68 7.64
C GLU A 12 -7.58 -0.17 7.46
N ASN A 13 -8.40 0.27 6.51
CA ASN A 13 -8.55 1.72 6.30
C ASN A 13 -9.38 2.30 7.44
N SER A 14 -9.94 1.44 8.30
CA SER A 14 -10.88 1.82 9.36
C SER A 14 -10.27 1.68 10.75
N TRP A 15 -9.13 0.97 10.85
CA TRP A 15 -8.53 0.73 12.15
C TRP A 15 -8.35 2.06 12.90
N SER A 16 -7.92 3.10 12.18
CA SER A 16 -7.65 4.39 12.80
C SER A 16 -8.86 4.93 13.55
N LYS A 17 -10.08 4.43 13.25
CA LYS A 17 -11.28 4.95 13.89
C LYS A 17 -11.32 4.56 15.37
N LYS A 18 -10.68 3.43 15.68
CA LYS A 18 -10.67 2.93 17.05
C LYS A 18 -9.26 3.04 17.65
N TYR A 19 -8.23 2.98 16.82
CA TYR A 19 -6.84 2.87 17.25
C TYR A 19 -6.03 4.02 16.65
N PRO A 20 -5.98 5.20 17.34
CA PRO A 20 -5.34 6.39 16.80
C PRO A 20 -3.98 6.17 16.14
N SER A 21 -3.17 5.26 16.71
CA SER A 21 -1.82 5.08 16.16
C SER A 21 -1.78 4.47 14.76
N CYS A 22 -2.83 3.73 14.36
CA CYS A 22 -2.93 3.20 13.02
C CYS A 22 -3.02 4.32 11.99
N GLY A 23 -3.53 5.49 12.40
CA GLY A 23 -3.57 6.66 11.53
C GLY A 23 -2.38 7.59 11.73
N GLY A 24 -1.36 7.10 12.44
CA GLY A 24 -0.20 7.91 12.80
C GLY A 24 1.01 7.68 11.90
N LEU A 25 2.17 8.11 12.37
CA LEU A 25 3.40 8.02 11.60
C LEU A 25 4.08 6.68 11.80
N LEU A 26 5.04 6.39 10.90
CA LEU A 26 6.07 5.37 11.09
C LEU A 26 5.41 4.01 11.05
N GLN A 27 4.46 3.84 10.14
CA GLN A 27 3.70 2.60 10.10
C GLN A 27 4.45 1.51 9.33
N SER A 28 4.20 0.25 9.73
CA SER A 28 4.65 -0.95 9.03
C SER A 28 3.43 -1.73 8.51
N PRO A 29 3.58 -2.59 7.47
CA PRO A 29 4.86 -2.82 6.79
C PRO A 29 5.17 -1.82 5.68
N ILE A 30 6.28 -2.06 4.97
CA ILE A 30 6.77 -1.16 3.93
C ILE A 30 7.30 -2.01 2.78
N ASP A 31 7.45 -1.36 1.63
CA ASP A 31 8.00 -2.01 0.44
C ASP A 31 9.51 -1.80 0.40
N LEU A 32 10.26 -2.88 0.34
CA LEU A 32 11.71 -2.77 0.36
C LEU A 32 12.18 -2.60 -1.08
N HIS A 33 12.83 -1.46 -1.35
CA HIS A 33 13.32 -1.18 -2.70
C HIS A 33 14.47 -0.17 -2.67
N SER A 34 15.24 -0.14 -3.78
CA SER A 34 16.61 0.36 -3.71
C SER A 34 16.63 1.82 -3.29
N ASP A 35 15.61 2.59 -3.69
CA ASP A 35 15.68 4.04 -3.49
C ASP A 35 15.77 4.44 -2.02
N ILE A 36 15.23 3.60 -1.13
CA ILE A 36 15.04 3.95 0.27
C ILE A 36 15.94 3.07 1.14
N LEU A 37 16.85 2.33 0.50
CA LEU A 37 17.80 1.47 1.20
C LEU A 37 19.13 2.18 1.37
N GLN A 38 19.75 1.99 2.53
CA GLN A 38 21.11 2.46 2.78
C GLN A 38 21.92 1.32 3.42
N TYR A 39 23.02 0.94 2.75
CA TYR A 39 23.93 -0.03 3.35
C TYR A 39 24.49 0.55 4.65
N ASP A 40 24.52 -0.27 5.70
CA ASP A 40 25.17 0.15 6.93
C ASP A 40 26.12 -0.96 7.39
N ALA A 41 27.43 -0.69 7.26
CA ALA A 41 28.50 -1.62 7.55
C ALA A 41 28.53 -1.97 9.03
N SER A 42 27.90 -1.12 9.84
CA SER A 42 27.86 -1.29 11.29
C SER A 42 26.89 -2.40 11.72
N LEU A 43 26.03 -2.88 10.82
CA LEU A 43 25.02 -3.85 11.20
C LEU A 43 25.57 -5.28 11.22
N THR A 44 25.76 -5.85 12.42
CA THR A 44 26.40 -7.14 12.63
C THR A 44 25.36 -8.25 12.82
N PRO A 45 25.74 -9.54 12.71
CA PRO A 45 24.77 -10.64 12.79
C PRO A 45 24.14 -10.74 14.17
N LEU A 46 22.86 -11.09 14.18
CA LEU A 46 22.18 -11.40 15.42
C LEU A 46 22.54 -12.81 15.87
N GLU A 47 22.52 -13.01 17.19
CA GLU A 47 22.63 -14.33 17.81
C GLU A 47 21.29 -14.67 18.43
N PHE A 48 20.87 -15.92 18.25
CA PHE A 48 19.56 -16.37 18.71
C PHE A 48 19.79 -17.31 19.88
N GLN A 49 19.47 -16.85 21.10
CA GLN A 49 19.76 -17.56 22.34
C GLN A 49 18.48 -18.20 22.89
N GLY A 50 18.60 -19.45 23.35
CA GLY A 50 17.48 -20.17 23.93
C GLY A 50 16.39 -20.51 22.92
N TYR A 51 16.70 -20.42 21.61
CA TYR A 51 15.72 -20.64 20.57
C TYR A 51 15.38 -22.13 20.43
N ASN A 52 16.26 -22.98 20.94
CA ASN A 52 16.02 -24.42 20.91
C ASN A 52 15.17 -24.81 22.12
N LEU A 53 13.83 -24.78 21.97
CA LEU A 53 12.88 -25.05 23.04
C LEU A 53 12.81 -26.55 23.32
N SER A 54 12.76 -26.91 24.61
CA SER A 54 12.74 -28.30 25.05
C SER A 54 11.47 -28.99 24.57
N ALA A 55 11.64 -30.16 23.97
CA ALA A 55 10.55 -31.04 23.54
C ALA A 55 9.70 -31.48 24.73
N ASN A 56 10.22 -31.30 25.95
CA ASN A 56 9.55 -31.76 27.17
C ASN A 56 8.70 -30.64 27.75
N LYS A 57 8.81 -29.45 27.16
CA LYS A 57 7.96 -28.34 27.59
C LYS A 57 6.93 -28.08 26.51
N GLN A 58 5.82 -27.43 26.87
CA GLN A 58 4.73 -27.16 25.95
C GLN A 58 4.53 -25.66 25.81
N PHE A 59 4.13 -25.22 24.61
CA PHE A 59 3.92 -23.81 24.32
C PHE A 59 2.52 -23.63 23.74
N LEU A 60 1.82 -22.60 24.23
CA LEU A 60 0.42 -22.39 23.92
C LEU A 60 0.30 -21.79 22.53
N LEU A 61 -0.46 -22.49 21.71
CA LEU A 61 -0.86 -22.01 20.39
C LEU A 61 -2.32 -21.60 20.48
N THR A 62 -2.61 -20.39 20.00
CA THR A 62 -3.95 -19.84 20.07
C THR A 62 -4.35 -19.25 18.72
N ASN A 63 -5.61 -19.51 18.35
CA ASN A 63 -6.28 -18.69 17.36
C ASN A 63 -6.80 -17.44 18.07
N ASN A 64 -6.20 -16.26 17.80
CA ASN A 64 -6.65 -15.05 18.47
C ASN A 64 -7.69 -14.33 17.63
N GLY A 65 -8.08 -14.94 16.52
CA GLY A 65 -9.02 -14.32 15.59
C GLY A 65 -8.33 -13.49 14.51
N HIS A 66 -7.03 -13.21 14.68
CA HIS A 66 -6.33 -12.36 13.73
C HIS A 66 -5.20 -13.12 13.06
N SER A 67 -4.70 -14.14 13.76
CA SER A 67 -3.60 -14.96 13.29
C SER A 67 -3.58 -16.20 14.17
N VAL A 68 -2.67 -17.13 13.88
CA VAL A 68 -2.38 -18.15 14.86
C VAL A 68 -1.07 -17.73 15.51
N LYS A 69 -1.06 -17.71 16.85
CA LYS A 69 0.09 -17.26 17.63
C LYS A 69 0.57 -18.38 18.54
N LEU A 70 1.90 -18.54 18.56
CA LEU A 70 2.58 -19.41 19.50
C LEU A 70 3.25 -18.56 20.59
N ASN A 71 2.90 -18.79 21.86
CA ASN A 71 3.60 -18.18 22.99
C ASN A 71 5.05 -18.67 23.08
N LEU A 72 5.96 -17.74 23.39
CA LEU A 72 7.35 -18.10 23.53
C LEU A 72 7.83 -17.65 24.91
N PRO A 73 8.80 -18.36 25.51
CA PRO A 73 9.27 -18.05 26.86
C PRO A 73 10.32 -16.94 26.80
N SER A 74 10.37 -16.13 27.86
CA SER A 74 11.29 -15.00 27.91
C SER A 74 12.76 -15.42 28.07
N ASP A 75 13.04 -16.71 28.28
CA ASP A 75 14.43 -17.16 28.29
C ASP A 75 14.95 -17.32 26.85
N MET A 76 14.06 -17.05 25.89
CA MET A 76 14.46 -17.04 24.49
C MET A 76 14.77 -15.60 24.13
N HIS A 77 15.95 -15.32 23.57
CA HIS A 77 16.29 -13.91 23.37
C HIS A 77 17.30 -13.73 22.24
N ILE A 78 17.29 -12.53 21.69
CA ILE A 78 18.26 -12.20 20.66
C ILE A 78 19.38 -11.35 21.26
N GLN A 79 20.59 -11.62 20.76
CA GLN A 79 21.80 -10.92 21.17
C GLN A 79 22.32 -10.18 19.95
N GLY A 80 22.80 -8.95 20.15
CA GLY A 80 23.36 -8.20 19.05
C GLY A 80 22.74 -6.81 18.93
N LEU A 81 21.57 -6.60 19.55
CA LEU A 81 20.99 -5.28 19.62
C LEU A 81 21.52 -4.55 20.86
N GLN A 82 21.12 -3.29 21.03
CA GLN A 82 21.74 -2.50 22.08
C GLN A 82 21.36 -3.04 23.46
N SER A 83 20.35 -3.93 23.48
CA SER A 83 19.68 -4.36 24.69
C SER A 83 19.24 -5.81 24.52
N ARG A 84 19.02 -6.51 25.64
CA ARG A 84 18.43 -7.82 25.50
C ARG A 84 16.97 -7.65 25.06
N TYR A 85 16.62 -8.36 23.97
CA TYR A 85 15.24 -8.48 23.56
C TYR A 85 14.80 -9.94 23.77
N SER A 86 13.79 -10.15 24.62
CA SER A 86 13.31 -11.46 24.95
C SER A 86 12.03 -11.73 24.15
N ALA A 87 11.86 -13.00 23.78
CA ALA A 87 10.73 -13.40 22.94
C ALA A 87 9.46 -13.36 23.77
N THR A 88 8.36 -13.08 23.07
CA THR A 88 7.03 -13.10 23.65
C THR A 88 6.14 -14.07 22.88
N GLN A 89 6.21 -14.02 21.54
CA GLN A 89 5.33 -14.86 20.73
C GLN A 89 5.78 -14.83 19.27
N LEU A 90 5.31 -15.81 18.49
CA LEU A 90 5.45 -15.68 17.04
C LEU A 90 4.08 -15.93 16.39
N HIS A 91 3.89 -15.46 15.15
CA HIS A 91 2.62 -15.61 14.46
C HIS A 91 2.88 -15.40 12.97
N LEU A 92 1.82 -15.52 12.17
CA LEU A 92 2.01 -15.47 10.73
C LEU A 92 0.97 -14.57 10.09
N HIS A 93 1.27 -14.19 8.84
CA HIS A 93 0.38 -13.45 7.95
C HIS A 93 0.41 -14.16 6.61
N TRP A 94 -0.74 -14.27 5.94
CA TRP A 94 -0.79 -15.03 4.70
C TRP A 94 -1.90 -14.50 3.79
N GLY A 95 -1.98 -15.06 2.57
CA GLY A 95 -3.01 -14.71 1.61
C GLY A 95 -4.20 -15.66 1.62
N ASN A 96 -4.54 -16.16 0.43
CA ASN A 96 -5.65 -17.10 0.28
C ASN A 96 -5.36 -18.08 -0.87
N PRO A 97 -6.13 -19.19 -0.99
CA PRO A 97 -5.88 -20.17 -2.05
C PRO A 97 -5.84 -19.59 -3.46
N ASN A 98 -6.60 -18.51 -3.70
CA ASN A 98 -6.73 -17.89 -5.00
C ASN A 98 -5.64 -16.84 -5.20
N ASP A 99 -4.97 -16.44 -4.12
CA ASP A 99 -3.88 -15.47 -4.22
C ASP A 99 -2.88 -15.75 -3.10
N PRO A 100 -2.00 -16.78 -3.23
CA PRO A 100 -1.13 -17.16 -2.13
C PRO A 100 0.11 -16.28 -2.01
N HIS A 101 -0.11 -14.97 -1.87
CA HIS A 101 0.95 -13.98 -1.75
C HIS A 101 0.55 -12.95 -0.72
N GLY A 102 0.60 -13.36 0.56
CA GLY A 102 0.10 -12.53 1.64
C GLY A 102 1.21 -12.13 2.64
N SER A 103 2.47 -12.03 2.20
CA SER A 103 3.49 -11.43 3.05
C SER A 103 3.08 -9.99 3.35
N GLU A 104 3.63 -9.40 4.42
CA GLU A 104 3.26 -8.02 4.71
C GLU A 104 4.31 -7.12 4.10
N HIS A 105 5.58 -7.42 4.37
CA HIS A 105 6.59 -6.68 3.66
C HIS A 105 6.63 -7.20 2.23
N THR A 106 6.97 -6.28 1.31
CA THR A 106 7.15 -6.61 -0.09
C THR A 106 8.54 -6.15 -0.50
N VAL A 107 9.04 -6.71 -1.61
CA VAL A 107 10.35 -6.41 -2.14
C VAL A 107 10.14 -6.10 -3.62
N SER A 108 10.49 -4.88 -4.06
CA SER A 108 10.18 -4.42 -5.41
C SER A 108 8.70 -4.56 -5.71
N GLY A 109 7.85 -4.33 -4.70
CA GLY A 109 6.42 -4.38 -4.92
C GLY A 109 5.85 -5.80 -4.95
N GLN A 110 6.69 -6.81 -4.72
CA GLN A 110 6.28 -8.21 -4.85
C GLN A 110 6.00 -8.78 -3.46
N HIS A 111 4.86 -9.44 -3.28
CA HIS A 111 4.60 -10.20 -2.07
C HIS A 111 5.27 -11.58 -2.14
N PHE A 112 5.75 -12.06 -1.00
CA PHE A 112 6.08 -13.46 -0.81
C PHE A 112 4.81 -14.17 -0.35
N ALA A 113 4.83 -15.51 -0.29
CA ALA A 113 3.60 -16.25 -0.01
C ALA A 113 3.08 -15.91 1.38
N ALA A 114 3.99 -15.83 2.35
CA ALA A 114 3.59 -15.58 3.72
C ALA A 114 4.73 -14.91 4.45
N GLU A 115 4.51 -14.69 5.75
CA GLU A 115 5.48 -13.99 6.58
C GLU A 115 5.32 -14.47 8.02
N LEU A 116 6.44 -14.83 8.64
CA LEU A 116 6.49 -15.12 10.07
C LEU A 116 7.08 -13.91 10.82
N HIS A 117 6.40 -13.54 11.92
CA HIS A 117 6.91 -12.55 12.84
C HIS A 117 7.27 -13.21 14.16
N ILE A 118 8.50 -12.96 14.66
CA ILE A 118 8.86 -13.37 16.01
C ILE A 118 9.03 -12.11 16.85
N VAL A 119 8.08 -11.89 17.77
CA VAL A 119 8.01 -10.68 18.57
C VAL A 119 8.82 -10.84 19.86
N HIS A 120 9.61 -9.79 20.13
CA HIS A 120 10.43 -9.71 21.33
C HIS A 120 10.18 -8.34 21.93
N TYR A 121 10.41 -8.22 23.25
CA TYR A 121 10.35 -6.90 23.89
C TYR A 121 11.68 -6.67 24.60
N ASN A 122 12.04 -5.39 24.73
CA ASN A 122 13.27 -5.03 25.42
C ASN A 122 13.07 -5.30 26.90
N SER A 123 13.56 -6.45 27.37
CA SER A 123 13.33 -6.90 28.74
C SER A 123 14.31 -6.25 29.71
N ASP A 124 15.39 -5.67 29.17
CA ASP A 124 16.35 -4.88 29.92
C ASP A 124 15.66 -3.65 30.50
N LEU A 125 14.71 -3.04 29.73
CA LEU A 125 14.14 -1.75 30.09
C LEU A 125 12.74 -1.89 30.68
N TYR A 126 12.01 -2.94 30.30
CA TYR A 126 10.57 -3.01 30.50
C TYR A 126 10.17 -4.33 31.16
N PRO A 127 9.16 -4.34 32.07
CA PRO A 127 8.70 -5.59 32.69
C PRO A 127 7.92 -6.54 31.79
N ASP A 128 7.45 -6.07 30.62
CA ASP A 128 6.62 -6.89 29.76
C ASP A 128 6.40 -6.18 28.43
N ALA A 129 5.91 -6.95 27.45
CA ALA A 129 5.65 -6.49 26.10
C ALA A 129 4.67 -5.32 26.03
N SER A 130 3.61 -5.34 26.86
CA SER A 130 2.63 -4.25 26.76
C SER A 130 3.27 -2.91 27.13
N THR A 131 4.02 -2.89 28.24
CA THR A 131 4.79 -1.71 28.61
C THR A 131 5.74 -1.31 27.49
N ALA A 132 6.49 -2.29 26.95
CA ALA A 132 7.50 -1.98 25.95
C ALA A 132 6.84 -1.34 24.72
N SER A 133 5.61 -1.75 24.44
CA SER A 133 4.97 -1.44 23.17
C SER A 133 4.60 0.04 23.08
N ASN A 134 4.74 0.77 24.20
CA ASN A 134 4.46 2.19 24.27
C ASN A 134 5.72 3.04 24.15
N LYS A 135 6.88 2.38 24.04
CA LYS A 135 8.14 3.13 24.00
C LYS A 135 8.88 2.79 22.72
N SER A 136 9.61 3.80 22.21
CA SER A 136 10.42 3.73 21.01
C SER A 136 11.42 2.58 21.12
N GLU A 137 11.41 1.68 20.14
CA GLU A 137 12.35 0.56 20.13
C GLU A 137 12.04 -0.44 21.25
N GLY A 138 10.89 -0.26 21.93
CA GLY A 138 10.42 -1.19 22.95
C GLY A 138 10.29 -2.64 22.44
N LEU A 139 9.87 -2.83 21.19
CA LEU A 139 9.73 -4.17 20.66
C LEU A 139 10.73 -4.35 19.52
N ALA A 140 11.20 -5.58 19.32
CA ALA A 140 11.99 -5.96 18.16
C ALA A 140 11.31 -7.17 17.56
N VAL A 141 11.02 -7.09 16.25
CA VAL A 141 10.38 -8.20 15.56
C VAL A 141 11.34 -8.72 14.50
N LEU A 142 11.46 -10.06 14.44
CA LEU A 142 12.17 -10.69 13.34
C LEU A 142 11.11 -11.15 12.33
N ALA A 143 11.29 -10.77 11.06
CA ALA A 143 10.35 -11.17 10.02
C ALA A 143 11.06 -12.12 9.05
N VAL A 144 10.42 -13.27 8.81
CA VAL A 144 10.92 -14.25 7.88
C VAL A 144 9.94 -14.33 6.72
N LEU A 145 10.42 -14.06 5.50
CA LEU A 145 9.55 -14.16 4.34
C LEU A 145 9.48 -15.62 3.90
N ILE A 146 8.27 -16.02 3.51
CA ILE A 146 7.96 -17.42 3.24
C ILE A 146 7.52 -17.54 1.78
N GLU A 147 8.21 -18.38 1.01
CA GLU A 147 7.81 -18.63 -0.36
C GLU A 147 7.40 -20.09 -0.51
N MET A 148 6.52 -20.36 -1.48
CA MET A 148 6.14 -21.71 -1.81
C MET A 148 7.39 -22.43 -2.31
N GLY A 149 7.60 -23.64 -1.79
CA GLY A 149 8.84 -24.35 -2.07
C GLY A 149 8.76 -25.79 -1.58
N SER A 150 9.86 -26.23 -0.98
CA SER A 150 10.02 -27.57 -0.42
C SER A 150 9.16 -27.70 0.84
N PHE A 151 8.66 -28.92 1.10
CA PHE A 151 8.10 -29.24 2.41
C PHE A 151 9.10 -28.84 3.50
N ASN A 152 8.62 -28.13 4.53
CA ASN A 152 9.41 -27.64 5.64
C ASN A 152 8.95 -28.34 6.91
N PRO A 153 9.72 -29.33 7.41
CA PRO A 153 9.36 -30.07 8.63
C PRO A 153 9.29 -29.25 9.91
N SER A 154 10.13 -28.20 9.97
CA SER A 154 10.14 -27.29 11.10
C SER A 154 8.85 -26.48 11.19
N TYR A 155 8.40 -25.94 10.06
CA TYR A 155 7.13 -25.21 10.04
C TYR A 155 5.96 -26.16 10.29
N ASP A 156 6.12 -27.44 9.90
CA ASP A 156 5.05 -28.38 10.19
C ASP A 156 4.87 -28.57 11.69
N LYS A 157 5.91 -28.23 12.48
CA LYS A 157 5.78 -28.34 13.93
C LYS A 157 4.68 -27.41 14.45
N ILE A 158 4.38 -26.34 13.70
CA ILE A 158 3.29 -25.43 13.99
C ILE A 158 2.06 -25.95 13.25
N PHE A 159 2.23 -26.20 11.94
CA PHE A 159 1.09 -26.39 11.05
C PHE A 159 0.30 -27.65 11.39
N SER A 160 0.95 -28.69 11.89
CA SER A 160 0.28 -29.92 12.21
C SER A 160 -0.76 -29.73 13.30
N HIS A 161 -0.75 -28.56 13.99
CA HIS A 161 -1.64 -28.30 15.12
C HIS A 161 -2.83 -27.41 14.73
N LEU A 162 -2.84 -26.91 13.48
CA LEU A 162 -3.84 -25.94 13.00
C LEU A 162 -5.24 -26.49 13.21
N GLN A 163 -5.45 -27.78 12.95
CA GLN A 163 -6.78 -28.37 13.05
C GLN A 163 -7.32 -28.38 14.48
N HIS A 164 -6.53 -27.99 15.49
CA HIS A 164 -7.08 -27.91 16.84
C HIS A 164 -7.27 -26.46 17.28
N VAL A 165 -7.03 -25.50 16.38
CA VAL A 165 -7.18 -24.08 16.73
C VAL A 165 -7.97 -23.40 15.62
N LYS A 166 -8.94 -24.12 15.05
CA LYS A 166 -9.69 -23.70 13.88
C LYS A 166 -10.45 -22.38 14.11
N TYR A 167 -10.98 -22.19 15.33
CA TYR A 167 -11.81 -21.02 15.63
C TYR A 167 -11.17 -20.09 16.66
N LYS A 168 -11.58 -18.82 16.57
CA LYS A 168 -11.12 -17.79 17.50
C LYS A 168 -11.33 -18.25 18.94
N GLY A 169 -10.28 -18.08 19.73
CA GLY A 169 -10.31 -18.42 21.14
C GLY A 169 -9.90 -19.87 21.40
N GLN A 170 -9.73 -20.69 20.33
CA GLN A 170 -9.33 -22.07 20.54
C GLN A 170 -7.83 -22.15 20.74
N GLU A 171 -7.37 -23.09 21.57
CA GLU A 171 -5.98 -23.14 22.03
C GLU A 171 -5.47 -24.59 22.00
N ALA A 172 -4.15 -24.75 21.84
CA ALA A 172 -3.53 -26.06 21.86
C ALA A 172 -2.09 -25.93 22.32
N PHE A 173 -1.52 -27.03 22.79
CA PHE A 173 -0.14 -27.04 23.27
C PHE A 173 0.77 -27.59 22.19
N VAL A 174 1.88 -26.90 21.96
CA VAL A 174 2.84 -27.43 21.01
C VAL A 174 4.10 -27.73 21.80
N PRO A 175 4.68 -28.96 21.68
CA PRO A 175 5.95 -29.26 22.35
C PRO A 175 7.05 -28.40 21.72
N GLY A 176 8.00 -28.01 22.58
CA GLY A 176 9.09 -27.15 22.13
C GLY A 176 9.83 -27.82 20.98
N PHE A 177 10.35 -26.99 20.07
CA PHE A 177 11.23 -27.39 18.99
C PHE A 177 12.15 -26.20 18.75
N ASN A 178 13.08 -26.37 17.81
CA ASN A 178 14.10 -25.37 17.56
C ASN A 178 13.54 -24.26 16.67
N ILE A 179 13.28 -23.09 17.27
CA ILE A 179 12.72 -21.98 16.53
C ILE A 179 13.75 -21.47 15.52
N GLU A 180 15.03 -21.74 15.80
CA GLU A 180 16.06 -21.37 14.85
C GLU A 180 15.80 -22.00 13.48
N GLU A 181 15.20 -23.21 13.48
CA GLU A 181 14.94 -23.93 12.23
C GLU A 181 13.91 -23.18 11.37
N LEU A 182 13.22 -22.19 11.93
CA LEU A 182 12.25 -21.43 11.14
C LEU A 182 12.90 -20.24 10.46
N LEU A 183 14.17 -19.96 10.79
CA LEU A 183 14.86 -18.81 10.22
C LEU A 183 15.56 -19.26 8.95
N PRO A 184 15.86 -18.32 8.03
CA PRO A 184 16.50 -18.67 6.77
C PRO A 184 18.00 -18.93 6.88
N GLU A 185 18.53 -19.20 5.67
CA GLU A 185 19.92 -19.10 5.29
C GLU A 185 20.49 -17.72 5.60
N ARG A 186 21.69 -17.71 6.18
CA ARG A 186 22.52 -16.52 6.17
C ARG A 186 21.73 -15.36 6.81
N THR A 187 21.35 -15.56 8.06
CA THR A 187 20.62 -14.55 8.80
C THR A 187 21.44 -13.26 8.86
N ALA A 188 22.72 -13.31 8.46
CA ALA A 188 23.61 -12.15 8.66
C ALA A 188 23.14 -11.00 7.79
N GLU A 189 22.36 -11.34 6.76
CA GLU A 189 21.91 -10.40 5.76
C GLU A 189 20.46 -10.04 6.07
N TYR A 190 20.21 -8.75 6.39
CA TYR A 190 18.85 -8.35 6.72
C TYR A 190 18.65 -6.87 6.45
N TYR A 191 17.37 -6.47 6.43
CA TYR A 191 16.91 -5.09 6.42
C TYR A 191 16.53 -4.69 7.85
N ARG A 192 16.84 -3.43 8.21
CA ARG A 192 16.66 -2.89 9.54
C ARG A 192 16.06 -1.47 9.46
N TYR A 193 14.96 -1.23 10.18
CA TYR A 193 14.23 0.02 10.06
C TYR A 193 13.31 0.21 11.26
N ARG A 194 12.89 1.46 11.52
N ARG A 194 12.86 1.46 11.48
CA ARG A 194 11.94 1.72 12.59
CA ARG A 194 11.94 1.76 12.55
C ARG A 194 10.52 1.79 12.04
C ARG A 194 10.51 1.79 12.01
N GLY A 195 9.62 1.04 12.67
CA GLY A 195 8.22 1.05 12.28
C GLY A 195 7.29 0.75 13.46
N SER A 196 6.18 0.05 13.15
CA SER A 196 5.04 -0.10 14.04
C SER A 196 4.63 -1.56 14.08
N LEU A 197 3.79 -1.90 15.08
CA LEU A 197 2.98 -3.10 14.96
C LEU A 197 2.25 -2.99 13.62
N THR A 198 2.13 -4.11 12.88
CA THR A 198 1.38 -4.09 11.64
C THR A 198 -0.10 -4.33 11.91
N THR A 199 -0.44 -4.57 13.18
CA THR A 199 -1.85 -4.74 13.55
C THR A 199 -2.23 -3.67 14.57
N PRO A 200 -3.53 -3.37 14.81
CA PRO A 200 -3.89 -2.54 15.94
C PRO A 200 -3.21 -3.10 17.19
N PRO A 201 -2.76 -2.25 18.12
CA PRO A 201 -2.95 -0.80 18.01
C PRO A 201 -1.95 0.02 17.20
N CYS A 202 -1.07 -0.65 16.41
CA CYS A 202 -0.20 -0.04 15.40
C CYS A 202 0.82 0.92 16.04
N ASN A 203 1.17 0.72 17.32
CA ASN A 203 2.12 1.61 17.98
C ASN A 203 3.40 1.71 17.18
N PRO A 204 3.98 2.91 16.97
CA PRO A 204 5.18 3.04 16.15
C PRO A 204 6.42 2.74 17.01
N THR A 205 6.49 1.54 17.58
CA THR A 205 7.47 1.31 18.63
C THR A 205 8.26 0.04 18.38
N VAL A 206 8.40 -0.35 17.10
CA VAL A 206 9.02 -1.62 16.74
C VAL A 206 10.31 -1.32 16.00
N LEU A 207 11.37 -2.02 16.40
CA LEU A 207 12.58 -2.09 15.61
C LEU A 207 12.52 -3.39 14.82
N TRP A 208 12.45 -3.24 13.49
CA TRP A 208 12.18 -4.34 12.55
C TRP A 208 13.48 -4.86 11.98
N THR A 209 13.58 -6.20 11.92
CA THR A 209 14.61 -6.88 11.16
C THR A 209 13.87 -7.85 10.22
N VAL A 210 14.04 -7.64 8.92
CA VAL A 210 13.49 -8.55 7.92
C VAL A 210 14.69 -9.25 7.27
N PHE A 211 14.71 -10.58 7.33
CA PHE A 211 15.82 -11.29 6.74
C PHE A 211 15.75 -11.17 5.22
N ARG A 212 16.93 -11.08 4.59
CA ARG A 212 17.01 -10.98 3.14
C ARG A 212 16.52 -12.25 2.45
N ASN A 213 16.90 -13.40 3.00
CA ASN A 213 16.67 -14.70 2.38
C ASN A 213 15.34 -15.25 2.88
N PRO A 214 14.47 -15.74 1.96
CA PRO A 214 13.21 -16.39 2.33
C PRO A 214 13.44 -17.83 2.79
N VAL A 215 12.43 -18.41 3.45
CA VAL A 215 12.40 -19.85 3.67
C VAL A 215 11.32 -20.41 2.74
N GLN A 216 11.21 -21.72 2.71
CA GLN A 216 10.22 -22.39 1.89
C GLN A 216 9.31 -23.27 2.74
N ILE A 217 8.02 -23.29 2.42
CA ILE A 217 7.06 -24.32 2.82
C ILE A 217 6.34 -24.81 1.57
N SER A 218 5.82 -26.05 1.62
CA SER A 218 5.20 -26.66 0.44
C SER A 218 3.83 -26.04 0.15
N GLN A 219 3.34 -26.26 -1.07
CA GLN A 219 1.99 -25.89 -1.46
C GLN A 219 0.98 -26.48 -0.48
N GLU A 220 1.15 -27.75 -0.09
CA GLU A 220 0.25 -28.38 0.86
C GLU A 220 0.24 -27.64 2.20
N GLN A 221 1.42 -27.22 2.68
CA GLN A 221 1.53 -26.51 3.96
C GLN A 221 0.91 -25.12 3.86
N LEU A 222 1.16 -24.43 2.74
CA LEU A 222 0.57 -23.11 2.52
C LEU A 222 -0.95 -23.26 2.46
N LEU A 223 -1.45 -24.28 1.76
CA LEU A 223 -2.89 -24.45 1.65
C LEU A 223 -3.52 -24.64 3.03
N ALA A 224 -2.85 -25.47 3.86
CA ALA A 224 -3.35 -25.79 5.18
C ALA A 224 -3.48 -24.50 5.98
N LEU A 225 -2.45 -23.64 5.90
CA LEU A 225 -2.43 -22.36 6.60
C LEU A 225 -3.56 -21.44 6.11
N GLU A 226 -3.81 -21.43 4.79
CA GLU A 226 -4.79 -20.55 4.22
C GLU A 226 -6.22 -21.10 4.39
N THR A 227 -6.37 -22.37 4.74
CA THR A 227 -7.75 -22.87 4.80
C THR A 227 -8.16 -23.40 6.18
N ALA A 228 -7.21 -23.61 7.11
CA ALA A 228 -7.59 -24.26 8.37
C ALA A 228 -8.33 -23.34 9.34
N LEU A 229 -8.17 -22.01 9.22
CA LEU A 229 -8.52 -21.15 10.34
C LEU A 229 -9.65 -20.20 9.99
N TYR A 230 -10.37 -19.78 11.05
CA TYR A 230 -11.45 -18.84 11.02
C TYR A 230 -11.14 -17.71 11.98
N CYS A 231 -11.48 -16.47 11.58
CA CYS A 231 -11.34 -15.28 12.39
C CYS A 231 -12.41 -15.28 13.49
N THR A 232 -13.45 -16.09 13.33
CA THR A 232 -14.62 -15.96 14.18
C THR A 232 -14.66 -17.11 15.19
N HIS A 233 -15.41 -16.90 16.27
CA HIS A 233 -15.70 -17.96 17.23
C HIS A 233 -16.48 -19.05 16.52
N MET A 234 -16.42 -20.24 17.10
CA MET A 234 -17.09 -21.34 16.45
C MET A 234 -18.59 -21.05 16.41
N ASP A 235 -19.15 -20.33 17.40
CA ASP A 235 -20.59 -20.16 17.42
C ASP A 235 -21.07 -18.90 16.70
N ASP A 236 -20.19 -18.23 15.93
CA ASP A 236 -20.51 -16.96 15.28
C ASP A 236 -21.60 -17.18 14.22
N PRO A 237 -22.67 -16.36 14.21
CA PRO A 237 -23.70 -16.47 13.17
C PRO A 237 -23.22 -16.16 11.75
N SER A 238 -22.12 -15.42 11.61
CA SER A 238 -21.55 -15.19 10.28
C SER A 238 -20.04 -15.46 10.29
N PRO A 239 -19.63 -16.71 10.00
CA PRO A 239 -18.23 -17.11 10.07
C PRO A 239 -17.43 -16.35 9.01
N ARG A 240 -16.11 -16.24 9.25
CA ARG A 240 -15.24 -15.56 8.31
C ARG A 240 -13.91 -16.31 8.32
N GLU A 241 -13.48 -16.71 7.12
CA GLU A 241 -12.22 -17.40 6.97
C GLU A 241 -11.09 -16.43 7.34
N MET A 242 -10.07 -17.00 7.97
CA MET A 242 -8.87 -16.23 8.25
C MET A 242 -7.94 -16.34 7.05
N ILE A 243 -8.13 -15.39 6.11
CA ILE A 243 -7.34 -15.23 4.90
C ILE A 243 -6.92 -13.77 4.77
N ASN A 244 -5.86 -13.55 3.99
CA ASN A 244 -5.44 -12.22 3.62
C ASN A 244 -5.28 -11.37 4.87
N ASN A 245 -4.67 -11.95 5.92
CA ASN A 245 -4.44 -11.24 7.17
C ASN A 245 -3.09 -10.51 7.12
N PHE A 246 -2.90 -9.71 6.06
CA PHE A 246 -1.75 -8.83 5.97
C PHE A 246 -2.24 -7.42 5.72
N ARG A 247 -1.48 -6.44 6.22
CA ARG A 247 -1.73 -5.03 6.02
C ARG A 247 -1.06 -4.60 4.71
N GLN A 248 -1.69 -3.66 3.97
CA GLN A 248 -1.01 -3.03 2.85
C GLN A 248 0.24 -2.28 3.33
N VAL A 249 1.22 -2.11 2.42
CA VAL A 249 2.41 -1.36 2.77
C VAL A 249 2.03 0.12 2.95
N GLN A 250 2.93 0.85 3.61
CA GLN A 250 2.65 2.12 4.23
C GLN A 250 3.63 3.15 3.68
N LYS A 251 3.19 4.42 3.68
CA LYS A 251 4.05 5.55 3.35
C LYS A 251 5.34 5.48 4.16
N PHE A 252 6.46 5.95 3.57
CA PHE A 252 7.74 5.96 4.26
C PHE A 252 7.87 6.96 5.41
N ASP A 253 7.31 8.18 5.25
CA ASP A 253 7.37 9.20 6.30
C ASP A 253 8.84 9.56 6.55
N GLU A 254 9.61 9.64 5.47
CA GLU A 254 10.99 10.13 5.42
C GLU A 254 11.98 9.12 6.04
N ARG A 255 11.55 7.85 6.23
CA ARG A 255 12.47 6.86 6.79
C ARG A 255 13.37 6.31 5.69
N LEU A 256 14.58 5.90 6.10
CA LEU A 256 15.43 4.99 5.35
C LEU A 256 15.36 3.59 5.97
N VAL A 257 15.64 2.58 5.14
CA VAL A 257 15.84 1.22 5.61
C VAL A 257 17.33 0.94 5.46
N TYR A 258 17.92 0.35 6.51
CA TYR A 258 19.35 0.06 6.51
C TYR A 258 19.56 -1.42 6.21
N THR A 259 20.62 -1.73 5.48
CA THR A 259 20.84 -3.11 5.11
C THR A 259 22.21 -3.53 5.61
N SER A 260 22.33 -4.82 6.00
CA SER A 260 23.60 -5.37 6.45
C SER A 260 24.38 -5.93 5.27
N PHE A 261 23.79 -5.87 4.07
CA PHE A 261 24.43 -6.34 2.84
C PHE A 261 24.36 -5.23 1.79
N SER A 262 25.16 -5.36 0.73
CA SER A 262 25.25 -4.35 -0.33
C SER A 262 24.58 -4.80 -1.63
N GLN A 263 23.77 -3.88 -2.17
CA GLN A 263 22.64 -4.14 -3.06
C GLN A 263 22.93 -3.52 -4.43
N LYS B 3 -10.36 19.10 6.61
CA LYS B 3 -9.04 18.85 5.96
C LYS B 3 -8.74 17.35 5.92
N TRP B 4 -7.87 17.02 4.97
CA TRP B 4 -7.27 15.71 4.84
C TRP B 4 -5.94 15.96 4.13
N THR B 5 -4.98 15.05 4.31
CA THR B 5 -3.63 15.16 3.76
C THR B 5 -3.13 13.76 3.40
N TYR B 6 -1.87 13.67 2.98
CA TYR B 6 -1.24 12.41 2.66
C TYR B 6 -0.14 12.08 3.68
N PHE B 7 -0.23 12.66 4.88
CA PHE B 7 0.75 12.35 5.91
C PHE B 7 0.27 12.79 7.29
N GLY B 8 0.80 12.14 8.32
CA GLY B 8 0.56 12.60 9.67
C GLY B 8 -0.82 12.13 10.12
N PRO B 9 -1.41 12.73 11.17
CA PRO B 9 -2.70 12.26 11.70
C PRO B 9 -3.88 12.33 10.73
N ASP B 10 -3.80 13.20 9.72
CA ASP B 10 -4.96 13.42 8.85
C ASP B 10 -4.74 12.72 7.51
N GLY B 11 -3.80 11.77 7.50
CA GLY B 11 -3.36 11.08 6.30
C GLY B 11 -4.36 9.98 5.94
N GLU B 12 -3.99 9.19 4.93
CA GLU B 12 -4.91 8.29 4.25
C GLU B 12 -5.50 7.23 5.17
N ASN B 13 -4.78 6.81 6.23
CA ASN B 13 -5.31 5.80 7.14
C ASN B 13 -6.46 6.38 7.97
N SER B 14 -6.59 7.72 8.01
CA SER B 14 -7.53 8.44 8.86
C SER B 14 -8.72 9.00 8.07
N TRP B 15 -8.65 8.96 6.73
CA TRP B 15 -9.70 9.52 5.87
C TRP B 15 -11.08 8.97 6.20
N SER B 16 -11.15 7.66 6.53
CA SER B 16 -12.42 6.99 6.67
C SER B 16 -13.23 7.56 7.85
N LYS B 17 -12.59 8.25 8.77
CA LYS B 17 -13.26 8.74 9.97
C LYS B 17 -14.39 9.69 9.59
N LYS B 18 -14.09 10.57 8.63
CA LYS B 18 -14.96 11.67 8.22
C LYS B 18 -15.54 11.40 6.82
N TYR B 19 -14.88 10.52 6.05
CA TYR B 19 -15.30 10.17 4.71
C TYR B 19 -15.49 8.66 4.62
N PRO B 20 -16.63 8.13 5.10
CA PRO B 20 -16.78 6.68 5.29
C PRO B 20 -16.44 5.80 4.07
N SER B 21 -16.80 6.24 2.86
CA SER B 21 -16.48 5.50 1.64
C SER B 21 -15.00 5.10 1.55
N CYS B 22 -14.11 5.87 2.17
CA CYS B 22 -12.68 5.61 2.08
C CYS B 22 -12.32 4.28 2.77
N GLY B 23 -13.20 3.80 3.65
CA GLY B 23 -13.02 2.50 4.27
C GLY B 23 -14.00 1.45 3.71
N GLY B 24 -14.68 1.78 2.60
CA GLY B 24 -15.70 0.93 2.02
C GLY B 24 -15.11 -0.01 0.96
N LEU B 25 -15.98 -0.53 0.10
CA LEU B 25 -15.54 -1.41 -0.97
C LEU B 25 -15.15 -0.61 -2.22
N LEU B 26 -14.58 -1.33 -3.19
CA LEU B 26 -14.20 -0.87 -4.52
C LEU B 26 -13.19 0.28 -4.43
N GLN B 27 -12.20 0.22 -3.53
CA GLN B 27 -11.25 1.32 -3.44
C GLN B 27 -10.16 1.28 -4.52
N SER B 28 -9.81 2.48 -5.02
CA SER B 28 -8.69 2.71 -5.91
C SER B 28 -7.61 3.53 -5.20
N PRO B 29 -6.31 3.47 -5.61
CA PRO B 29 -5.86 2.75 -6.80
C PRO B 29 -5.55 1.29 -6.46
N ILE B 30 -5.16 0.49 -7.45
CA ILE B 30 -4.90 -0.94 -7.28
C ILE B 30 -3.60 -1.28 -8.01
N ASP B 31 -3.08 -2.48 -7.72
CA ASP B 31 -2.01 -3.09 -8.49
C ASP B 31 -2.61 -3.77 -9.72
N LEU B 32 -2.20 -3.31 -10.91
CA LEU B 32 -2.56 -3.97 -12.16
C LEU B 32 -1.59 -5.10 -12.45
N HIS B 33 -1.95 -6.33 -12.10
CA HIS B 33 -0.96 -7.40 -12.25
C HIS B 33 -1.49 -8.53 -13.10
N SER B 34 -0.55 -9.26 -13.70
CA SER B 34 -0.81 -10.20 -14.77
C SER B 34 -2.03 -11.08 -14.47
N ASP B 35 -2.12 -11.55 -13.22
CA ASP B 35 -3.01 -12.62 -12.77
C ASP B 35 -4.47 -12.17 -12.74
N ILE B 36 -4.71 -10.86 -12.61
CA ILE B 36 -6.08 -10.38 -12.49
C ILE B 36 -6.50 -9.67 -13.79
N LEU B 37 -5.67 -9.75 -14.83
CA LEU B 37 -6.01 -9.12 -16.10
C LEU B 37 -6.83 -10.08 -16.95
N GLN B 38 -7.89 -9.56 -17.57
CA GLN B 38 -8.66 -10.41 -18.47
C GLN B 38 -8.94 -9.62 -19.75
N TYR B 39 -8.52 -10.18 -20.87
CA TYR B 39 -8.74 -9.50 -22.14
C TYR B 39 -10.24 -9.43 -22.40
N ASP B 40 -10.69 -8.25 -22.86
CA ASP B 40 -12.08 -7.95 -23.21
C ASP B 40 -12.12 -7.31 -24.60
N ALA B 41 -12.42 -8.14 -25.60
CA ALA B 41 -12.43 -7.73 -27.00
C ALA B 41 -13.46 -6.64 -27.25
N SER B 42 -14.36 -6.40 -26.29
CA SER B 42 -15.40 -5.41 -26.49
C SER B 42 -14.93 -4.02 -26.08
N LEU B 43 -13.77 -3.91 -25.42
CA LEU B 43 -13.18 -2.62 -25.11
C LEU B 43 -12.56 -2.03 -26.37
N THR B 44 -13.34 -1.18 -27.03
CA THR B 44 -12.91 -0.52 -28.25
C THR B 44 -12.19 0.80 -27.91
N PRO B 45 -11.53 1.43 -28.91
CA PRO B 45 -10.83 2.68 -28.69
C PRO B 45 -11.81 3.76 -28.28
N LEU B 46 -11.48 4.51 -27.23
CA LEU B 46 -12.24 5.69 -26.84
C LEU B 46 -11.92 6.81 -27.84
N GLU B 47 -12.88 7.71 -28.01
CA GLU B 47 -12.62 8.90 -28.79
C GLU B 47 -12.65 10.10 -27.85
N PHE B 48 -11.73 11.03 -28.09
CA PHE B 48 -11.55 12.25 -27.32
C PHE B 48 -12.04 13.42 -28.15
N GLN B 49 -13.14 14.01 -27.69
CA GLN B 49 -13.82 15.01 -28.48
C GLN B 49 -13.65 16.36 -27.79
N GLY B 50 -13.22 17.34 -28.58
CA GLY B 50 -13.14 18.71 -28.12
C GLY B 50 -11.88 18.93 -27.27
N TYR B 51 -10.88 18.04 -27.42
CA TYR B 51 -9.68 18.11 -26.59
C TYR B 51 -8.73 19.21 -27.09
N ASN B 52 -8.91 19.60 -28.36
CA ASN B 52 -8.08 20.62 -28.99
C ASN B 52 -8.55 22.01 -28.55
N LEU B 53 -7.97 22.51 -27.46
CA LEU B 53 -8.39 23.76 -26.83
C LEU B 53 -7.71 24.93 -27.53
N SER B 54 -8.46 26.01 -27.74
CA SER B 54 -7.96 27.17 -28.45
C SER B 54 -6.83 27.83 -27.65
N ALA B 55 -5.73 28.12 -28.35
CA ALA B 55 -4.62 28.86 -27.77
C ALA B 55 -5.01 30.31 -27.47
N ASN B 56 -6.20 30.74 -27.92
CA ASN B 56 -6.70 32.10 -27.65
C ASN B 56 -7.47 32.16 -26.32
N LYS B 57 -7.69 30.99 -25.70
CA LYS B 57 -8.50 30.86 -24.51
C LYS B 57 -7.61 30.47 -23.34
N GLN B 58 -7.98 30.90 -22.13
CA GLN B 58 -7.25 30.68 -20.90
C GLN B 58 -7.98 29.65 -20.03
N PHE B 59 -7.20 28.74 -19.42
CA PHE B 59 -7.74 27.72 -18.53
C PHE B 59 -7.06 27.82 -17.19
N LEU B 60 -7.87 27.72 -16.13
CA LEU B 60 -7.46 28.01 -14.76
C LEU B 60 -6.67 26.85 -14.18
N LEU B 61 -5.41 27.14 -13.81
CA LEU B 61 -4.59 26.21 -13.04
C LEU B 61 -4.59 26.65 -11.58
N THR B 62 -4.81 25.67 -10.69
CA THR B 62 -4.92 25.95 -9.26
C THR B 62 -4.03 24.99 -8.48
N ASN B 63 -3.34 25.52 -7.46
CA ASN B 63 -2.82 24.68 -6.40
C ASN B 63 -3.93 24.55 -5.35
N ASN B 64 -4.49 23.34 -5.17
CA ASN B 64 -5.62 23.25 -4.25
C ASN B 64 -5.17 22.70 -2.90
N GLY B 65 -3.85 22.60 -2.71
CA GLY B 65 -3.32 22.04 -1.48
C GLY B 65 -3.19 20.50 -1.48
N HIS B 66 -3.79 19.82 -2.49
CA HIS B 66 -3.65 18.37 -2.65
C HIS B 66 -2.93 18.01 -3.95
N SER B 67 -3.13 18.79 -5.02
CA SER B 67 -2.46 18.55 -6.29
C SER B 67 -2.32 19.89 -6.99
N VAL B 68 -1.84 19.87 -8.22
CA VAL B 68 -2.04 21.00 -9.13
C VAL B 68 -3.11 20.55 -10.13
N LYS B 69 -4.11 21.41 -10.36
CA LYS B 69 -5.30 21.04 -11.10
C LYS B 69 -5.50 22.08 -12.21
N LEU B 70 -5.79 21.59 -13.42
CA LEU B 70 -6.16 22.43 -14.54
C LEU B 70 -7.66 22.25 -14.76
N ASN B 71 -8.43 23.34 -14.62
CA ASN B 71 -9.86 23.30 -14.89
C ASN B 71 -10.06 23.08 -16.40
N LEU B 72 -11.02 22.23 -16.76
CA LEU B 72 -11.22 21.90 -18.17
C LEU B 72 -12.68 22.18 -18.54
N PRO B 73 -12.98 22.54 -19.81
CA PRO B 73 -14.34 22.84 -20.22
C PRO B 73 -15.13 21.57 -20.50
N SER B 74 -16.45 21.66 -20.24
CA SER B 74 -17.32 20.51 -20.37
C SER B 74 -17.63 20.19 -21.84
N ASP B 75 -17.06 20.94 -22.78
CA ASP B 75 -17.21 20.53 -24.17
C ASP B 75 -16.20 19.44 -24.55
N MET B 76 -15.18 19.22 -23.70
CA MET B 76 -14.36 18.03 -23.86
C MET B 76 -15.16 16.84 -23.33
N HIS B 77 -15.18 15.76 -24.11
CA HIS B 77 -15.88 14.56 -23.65
C HIS B 77 -15.23 13.31 -24.23
N ILE B 78 -15.55 12.19 -23.58
CA ILE B 78 -15.15 10.88 -24.04
C ILE B 78 -16.36 10.31 -24.77
N GLN B 79 -16.11 9.71 -25.93
CA GLN B 79 -17.13 8.99 -26.67
C GLN B 79 -16.69 7.52 -26.67
N GLY B 80 -17.62 6.61 -26.33
CA GLY B 80 -17.37 5.18 -26.36
C GLY B 80 -17.80 4.46 -25.08
N LEU B 81 -18.13 5.19 -24.01
CA LEU B 81 -18.63 4.55 -22.81
C LEU B 81 -20.16 4.49 -22.85
N GLN B 82 -20.77 3.87 -21.84
CA GLN B 82 -22.23 3.72 -21.78
C GLN B 82 -22.91 5.09 -21.77
N SER B 83 -22.33 6.05 -21.06
CA SER B 83 -22.82 7.41 -20.99
C SER B 83 -21.78 8.31 -21.61
N ARG B 84 -22.23 9.53 -21.93
CA ARG B 84 -21.31 10.61 -22.24
C ARG B 84 -20.64 11.08 -20.95
N TYR B 85 -19.30 11.16 -20.96
CA TYR B 85 -18.59 11.76 -19.86
C TYR B 85 -17.83 12.98 -20.35
N SER B 86 -18.09 14.12 -19.70
CA SER B 86 -17.58 15.44 -20.00
C SER B 86 -16.50 15.81 -18.97
N ALA B 87 -15.42 16.45 -19.44
CA ALA B 87 -14.29 16.77 -18.59
C ALA B 87 -14.64 17.84 -17.55
N THR B 88 -13.98 17.76 -16.39
CA THR B 88 -14.08 18.85 -15.44
C THR B 88 -12.69 19.43 -15.14
N GLN B 89 -11.66 18.58 -15.04
CA GLN B 89 -10.32 18.99 -14.65
C GLN B 89 -9.33 17.87 -14.92
N LEU B 90 -8.03 18.21 -14.92
CA LEU B 90 -7.00 17.20 -14.79
C LEU B 90 -6.09 17.61 -13.63
N HIS B 91 -5.33 16.64 -13.10
CA HIS B 91 -4.43 16.87 -11.97
C HIS B 91 -3.42 15.72 -11.96
N LEU B 92 -2.45 15.76 -11.04
CA LEU B 92 -1.40 14.77 -11.06
C LEU B 92 -1.06 14.27 -9.65
N HIS B 93 -0.36 13.14 -9.61
CA HIS B 93 0.08 12.50 -8.38
C HIS B 93 1.55 12.15 -8.58
N TRP B 94 2.38 12.45 -7.59
CA TRP B 94 3.81 12.22 -7.72
C TRP B 94 4.42 11.84 -6.36
N GLY B 95 5.69 11.43 -6.37
CA GLY B 95 6.39 11.05 -5.14
C GLY B 95 7.29 12.17 -4.63
N ASN B 96 8.59 11.90 -4.59
CA ASN B 96 9.54 12.90 -4.09
C ASN B 96 10.93 12.59 -4.65
N PRO B 97 11.86 13.57 -4.70
CA PRO B 97 13.15 13.33 -5.33
C PRO B 97 13.95 12.17 -4.72
N ASN B 98 13.71 11.83 -3.45
CA ASN B 98 14.38 10.71 -2.79
C ASN B 98 13.77 9.37 -3.22
N ASP B 99 12.52 9.40 -3.70
CA ASP B 99 11.77 8.20 -4.03
C ASP B 99 10.82 8.57 -5.16
N PRO B 100 11.35 8.75 -6.40
CA PRO B 100 10.58 9.37 -7.49
C PRO B 100 9.68 8.34 -8.16
N HIS B 101 8.80 7.72 -7.36
CA HIS B 101 7.91 6.69 -7.87
C HIS B 101 6.55 6.87 -7.20
N GLY B 102 5.80 7.87 -7.66
CA GLY B 102 4.60 8.26 -6.94
C GLY B 102 3.34 8.15 -7.80
N SER B 103 3.34 7.29 -8.80
CA SER B 103 2.08 6.92 -9.44
C SER B 103 1.12 6.31 -8.41
N GLU B 104 -0.17 6.41 -8.68
CA GLU B 104 -1.16 5.77 -7.83
C GLU B 104 -1.28 4.29 -8.19
N HIS B 105 -1.54 4.02 -9.47
CA HIS B 105 -1.64 2.66 -9.95
C HIS B 105 -0.24 2.07 -10.06
N THR B 106 -0.16 0.75 -9.83
CA THR B 106 1.09 0.04 -10.05
C THR B 106 0.84 -1.03 -11.09
N VAL B 107 1.92 -1.43 -11.76
CA VAL B 107 1.88 -2.46 -12.78
C VAL B 107 2.79 -3.59 -12.31
N SER B 108 2.18 -4.75 -12.05
CA SER B 108 2.86 -5.91 -11.49
C SER B 108 3.75 -5.45 -10.34
N GLY B 109 3.16 -4.66 -9.44
CA GLY B 109 3.81 -4.23 -8.22
C GLY B 109 4.70 -2.99 -8.35
N GLN B 110 4.91 -2.47 -9.57
CA GLN B 110 5.86 -1.36 -9.72
C GLN B 110 5.13 -0.04 -9.98
N HIS B 111 5.55 1.01 -9.25
CA HIS B 111 5.05 2.35 -9.50
C HIS B 111 5.78 2.92 -10.71
N PHE B 112 5.10 3.83 -11.42
CA PHE B 112 5.74 4.77 -12.34
C PHE B 112 6.12 6.02 -11.56
N ALA B 113 6.81 6.96 -12.22
CA ALA B 113 7.28 8.16 -11.55
C ALA B 113 6.08 8.99 -11.03
N ALA B 114 5.04 9.12 -11.86
CA ALA B 114 3.90 9.98 -11.54
C ALA B 114 2.70 9.50 -12.35
N GLU B 115 1.58 10.21 -12.16
CA GLU B 115 0.34 9.80 -12.82
C GLU B 115 -0.52 11.03 -13.01
N LEU B 116 -1.06 11.16 -14.23
CA LEU B 116 -2.03 12.18 -14.60
C LEU B 116 -3.44 11.61 -14.65
N HIS B 117 -4.39 12.41 -14.17
CA HIS B 117 -5.79 11.99 -14.14
C HIS B 117 -6.62 13.07 -14.83
N ILE B 118 -7.40 12.67 -15.83
CA ILE B 118 -8.34 13.59 -16.45
C ILE B 118 -9.73 13.17 -15.97
N VAL B 119 -10.35 14.04 -15.17
CA VAL B 119 -11.59 13.70 -14.50
C VAL B 119 -12.74 14.19 -15.36
N HIS B 120 -13.71 13.28 -15.60
CA HIS B 120 -14.94 13.55 -16.35
C HIS B 120 -16.12 13.08 -15.52
N TYR B 121 -17.30 13.67 -15.78
CA TYR B 121 -18.52 13.32 -15.05
C TYR B 121 -19.62 12.93 -16.03
N ASN B 122 -20.57 12.14 -15.55
CA ASN B 122 -21.67 11.68 -16.38
C ASN B 122 -22.59 12.87 -16.64
N SER B 123 -22.45 13.48 -17.83
CA SER B 123 -23.18 14.71 -18.13
C SER B 123 -24.56 14.41 -18.71
N ASP B 124 -24.81 13.14 -19.07
CA ASP B 124 -26.15 12.68 -19.41
C ASP B 124 -27.09 12.88 -18.22
N LEU B 125 -26.60 12.67 -16.98
CA LEU B 125 -27.44 12.66 -15.79
C LEU B 125 -27.18 13.83 -14.84
N TYR B 126 -25.92 14.30 -14.72
CA TYR B 126 -25.56 15.24 -13.67
C TYR B 126 -25.06 16.55 -14.26
N PRO B 127 -25.22 17.70 -13.56
CA PRO B 127 -24.68 18.96 -14.07
C PRO B 127 -23.17 19.17 -13.88
N ASP B 128 -22.58 18.43 -12.94
CA ASP B 128 -21.17 18.59 -12.61
C ASP B 128 -20.63 17.35 -11.89
N ALA B 129 -19.30 17.32 -11.68
CA ALA B 129 -18.61 16.20 -11.05
C ALA B 129 -19.04 16.05 -9.58
N SER B 130 -19.15 17.18 -8.90
CA SER B 130 -19.53 17.20 -7.50
C SER B 130 -20.88 16.49 -7.31
N THR B 131 -21.86 16.80 -8.17
CA THR B 131 -23.15 16.11 -8.09
C THR B 131 -23.05 14.64 -8.49
N ALA B 132 -22.28 14.37 -9.56
CA ALA B 132 -22.12 13.04 -10.11
C ALA B 132 -21.38 12.10 -9.15
N SER B 133 -20.58 12.69 -8.25
CA SER B 133 -19.48 12.01 -7.55
C SER B 133 -20.00 10.96 -6.57
N ASN B 134 -21.25 11.11 -6.09
CA ASN B 134 -21.79 10.10 -5.19
C ASN B 134 -22.79 9.18 -5.89
N LYS B 135 -22.83 9.22 -7.23
CA LYS B 135 -23.83 8.45 -7.96
C LYS B 135 -23.17 7.33 -8.76
N SER B 136 -23.87 6.21 -8.90
CA SER B 136 -23.33 5.05 -9.59
C SER B 136 -22.85 5.48 -10.97
N GLU B 137 -21.60 5.11 -11.32
CA GLU B 137 -21.01 5.43 -12.61
C GLU B 137 -21.04 6.93 -12.85
N GLY B 138 -20.95 7.72 -11.79
CA GLY B 138 -21.03 9.17 -11.94
C GLY B 138 -19.79 9.78 -12.61
N LEU B 139 -18.64 9.10 -12.53
CA LEU B 139 -17.37 9.66 -12.98
C LEU B 139 -16.59 8.65 -13.83
N ALA B 140 -15.70 9.19 -14.66
CA ALA B 140 -14.79 8.42 -15.49
C ALA B 140 -13.46 9.18 -15.53
N VAL B 141 -12.35 8.50 -15.19
CA VAL B 141 -11.03 9.13 -15.16
C VAL B 141 -10.15 8.45 -16.21
N LEU B 142 -9.41 9.26 -17.00
CA LEU B 142 -8.33 8.72 -17.81
C LEU B 142 -7.05 8.92 -17.02
N ALA B 143 -6.30 7.84 -16.89
CA ALA B 143 -5.09 7.84 -16.09
C ALA B 143 -3.93 7.59 -17.03
N VAL B 144 -2.92 8.46 -16.97
CA VAL B 144 -1.73 8.33 -17.80
C VAL B 144 -0.56 8.14 -16.86
N LEU B 145 0.19 7.05 -17.05
CA LEU B 145 1.38 6.71 -16.28
C LEU B 145 2.59 7.41 -16.88
N ILE B 146 3.44 7.98 -16.00
CA ILE B 146 4.50 8.86 -16.41
C ILE B 146 5.83 8.31 -15.93
N GLU B 147 6.81 8.18 -16.85
CA GLU B 147 8.15 7.76 -16.49
C GLU B 147 9.15 8.85 -16.95
N MET B 148 10.36 8.75 -16.43
CA MET B 148 11.46 9.63 -16.77
C MET B 148 11.99 9.21 -18.14
N GLY B 149 12.17 10.18 -19.04
CA GLY B 149 12.83 9.93 -20.31
C GLY B 149 13.11 11.24 -21.03
N SER B 150 12.76 11.32 -22.32
CA SER B 150 13.01 12.54 -23.07
C SER B 150 12.08 13.66 -22.61
N PHE B 151 12.53 14.91 -22.81
CA PHE B 151 11.74 16.09 -22.53
C PHE B 151 10.40 16.03 -23.29
N ASN B 152 9.34 16.51 -22.63
CA ASN B 152 8.00 16.45 -23.21
C ASN B 152 7.47 17.87 -23.35
N PRO B 153 7.43 18.44 -24.57
CA PRO B 153 6.96 19.81 -24.78
C PRO B 153 5.50 20.00 -24.36
N SER B 154 4.67 18.97 -24.56
CA SER B 154 3.25 19.06 -24.29
C SER B 154 3.02 19.19 -22.79
N TYR B 155 3.67 18.30 -22.01
CA TYR B 155 3.61 18.38 -20.55
C TYR B 155 4.16 19.71 -20.07
N ASP B 156 5.18 20.22 -20.76
CA ASP B 156 5.74 21.49 -20.35
C ASP B 156 4.74 22.64 -20.48
N LYS B 157 3.66 22.46 -21.27
CA LYS B 157 2.64 23.49 -21.39
C LYS B 157 1.95 23.69 -20.04
N ILE B 158 2.01 22.67 -19.19
CA ILE B 158 1.52 22.81 -17.82
C ILE B 158 2.67 23.20 -16.90
N PHE B 159 3.80 22.48 -17.01
CA PHE B 159 4.80 22.51 -15.95
C PHE B 159 5.51 23.85 -15.95
N SER B 160 5.59 24.48 -17.13
CA SER B 160 6.13 25.82 -17.23
C SER B 160 5.34 26.81 -16.37
N HIS B 161 4.16 26.41 -15.86
CA HIS B 161 3.33 27.31 -15.05
C HIS B 161 3.36 26.94 -13.55
N LEU B 162 4.09 25.88 -13.20
CA LEU B 162 4.07 25.42 -11.81
C LEU B 162 4.50 26.56 -10.88
N GLN B 163 5.47 27.33 -11.40
CA GLN B 163 6.10 28.44 -10.72
C GLN B 163 5.06 29.49 -10.32
N HIS B 164 3.87 29.47 -10.94
CA HIS B 164 2.89 30.49 -10.63
C HIS B 164 1.78 29.98 -9.71
N VAL B 165 1.93 28.76 -9.17
CA VAL B 165 0.94 28.19 -8.27
C VAL B 165 1.66 27.49 -7.11
N LYS B 166 2.69 28.13 -6.58
CA LYS B 166 3.57 27.58 -5.56
C LYS B 166 2.83 27.21 -4.27
N TYR B 167 1.73 27.92 -3.96
CA TYR B 167 1.10 27.74 -2.66
C TYR B 167 -0.39 27.46 -2.81
N LYS B 168 -0.94 26.77 -1.80
CA LYS B 168 -2.36 26.49 -1.73
C LYS B 168 -3.13 27.80 -1.97
N GLY B 169 -4.05 27.78 -2.94
CA GLY B 169 -4.95 28.90 -3.16
C GLY B 169 -4.56 29.69 -4.40
N GLN B 170 -3.33 29.49 -4.89
CA GLN B 170 -2.88 30.30 -6.00
C GLN B 170 -3.47 29.78 -7.30
N GLU B 171 -3.69 30.68 -8.27
CA GLU B 171 -4.25 30.36 -9.58
C GLU B 171 -3.38 31.01 -10.64
N ALA B 172 -3.19 30.31 -11.76
CA ALA B 172 -2.58 30.88 -12.96
C ALA B 172 -3.47 30.57 -14.16
N PHE B 173 -3.25 31.28 -15.26
CA PHE B 173 -3.87 30.97 -16.54
C PHE B 173 -2.92 30.15 -17.42
N VAL B 174 -3.48 29.11 -18.04
CA VAL B 174 -2.76 28.27 -19.00
C VAL B 174 -3.47 28.41 -20.34
N PRO B 175 -2.79 28.98 -21.34
CA PRO B 175 -3.33 29.03 -22.69
C PRO B 175 -3.70 27.61 -23.15
N GLY B 176 -4.87 27.48 -23.79
CA GLY B 176 -5.33 26.21 -24.34
C GLY B 176 -4.32 25.57 -25.28
N PHE B 177 -4.17 24.25 -25.14
CA PHE B 177 -3.45 23.44 -26.11
C PHE B 177 -4.25 22.16 -26.36
N ASN B 178 -3.78 21.33 -27.27
CA ASN B 178 -4.45 20.07 -27.52
C ASN B 178 -4.20 19.11 -26.36
N ILE B 179 -5.26 18.81 -25.59
CA ILE B 179 -5.09 17.97 -24.41
C ILE B 179 -4.66 16.57 -24.80
N GLU B 180 -5.03 16.12 -26.00
CA GLU B 180 -4.67 14.78 -26.47
C GLU B 180 -3.18 14.55 -26.50
N GLU B 181 -2.41 15.64 -26.61
CA GLU B 181 -0.95 15.59 -26.60
C GLU B 181 -0.44 15.03 -25.29
N LEU B 182 -1.30 15.04 -24.26
CA LEU B 182 -0.90 14.54 -22.95
C LEU B 182 -1.10 13.03 -22.85
N LEU B 183 -1.82 12.45 -23.81
CA LEU B 183 -2.09 11.03 -23.75
C LEU B 183 -0.94 10.25 -24.38
N PRO B 184 -0.67 9.01 -23.93
CA PRO B 184 0.45 8.25 -24.47
C PRO B 184 0.10 7.74 -25.85
N GLU B 185 1.08 7.12 -26.49
CA GLU B 185 0.88 6.37 -27.71
C GLU B 185 -0.08 5.20 -27.48
N ARG B 186 -0.71 4.77 -28.58
CA ARG B 186 -1.64 3.65 -28.62
C ARG B 186 -2.66 3.69 -27.48
N THR B 187 -3.49 4.76 -27.45
CA THR B 187 -4.51 4.91 -26.42
C THR B 187 -5.53 3.79 -26.54
N ALA B 188 -5.46 3.05 -27.66
CA ALA B 188 -6.34 1.91 -27.86
C ALA B 188 -6.04 0.82 -26.83
N GLU B 189 -4.83 0.82 -26.25
CA GLU B 189 -4.45 -0.19 -25.26
C GLU B 189 -4.67 0.36 -23.84
N TYR B 190 -5.56 -0.29 -23.08
CA TYR B 190 -5.87 0.23 -21.75
C TYR B 190 -6.40 -0.85 -20.81
N TYR B 191 -6.30 -0.52 -19.52
CA TYR B 191 -6.92 -1.28 -18.46
C TYR B 191 -8.21 -0.57 -18.08
N ARG B 192 -9.20 -1.38 -17.69
CA ARG B 192 -10.51 -0.85 -17.36
C ARG B 192 -10.99 -1.56 -16.11
N TYR B 193 -11.41 -0.79 -15.12
CA TYR B 193 -12.06 -1.40 -13.96
C TYR B 193 -12.96 -0.37 -13.27
N ARG B 194 -13.94 -0.87 -12.48
CA ARG B 194 -14.78 -0.05 -11.63
C ARG B 194 -14.06 0.16 -10.30
N GLY B 195 -13.85 1.43 -9.92
CA GLY B 195 -13.25 1.74 -8.63
C GLY B 195 -13.77 3.05 -8.01
N SER B 196 -12.87 3.77 -7.35
CA SER B 196 -13.27 4.90 -6.53
C SER B 196 -12.42 6.11 -6.87
N LEU B 197 -12.87 7.29 -6.38
CA LEU B 197 -11.99 8.43 -6.24
C LEU B 197 -10.82 7.94 -5.38
N THR B 198 -9.60 8.35 -5.76
CA THR B 198 -8.43 8.05 -4.94
C THR B 198 -8.20 9.10 -3.84
N THR B 199 -9.06 10.12 -3.77
CA THR B 199 -8.99 11.13 -2.74
C THR B 199 -10.32 11.12 -2.01
N PRO B 200 -10.45 11.63 -0.76
CA PRO B 200 -11.78 11.84 -0.16
C PRO B 200 -12.69 12.58 -1.15
N PRO B 201 -14.01 12.27 -1.18
CA PRO B 201 -14.62 11.30 -0.28
C PRO B 201 -14.56 9.83 -0.67
N CYS B 202 -13.75 9.47 -1.69
CA CYS B 202 -13.44 8.08 -2.04
C CYS B 202 -14.67 7.30 -2.52
N ASN B 203 -15.72 7.98 -2.98
CA ASN B 203 -16.93 7.31 -3.45
C ASN B 203 -16.60 6.27 -4.51
N PRO B 204 -17.22 5.06 -4.45
CA PRO B 204 -16.91 4.00 -5.41
C PRO B 204 -17.68 4.13 -6.73
N THR B 205 -17.45 5.25 -7.43
CA THR B 205 -18.34 5.73 -8.47
C THR B 205 -17.53 6.05 -9.73
N VAL B 206 -16.30 5.49 -9.81
CA VAL B 206 -15.44 5.88 -10.94
C VAL B 206 -15.21 4.70 -11.88
N LEU B 207 -15.38 4.97 -13.17
CA LEU B 207 -14.99 4.04 -14.22
C LEU B 207 -13.55 4.40 -14.59
N TRP B 208 -12.60 3.51 -14.26
CA TRP B 208 -11.20 3.80 -14.49
C TRP B 208 -10.76 3.29 -15.87
N THR B 209 -10.05 4.15 -16.61
CA THR B 209 -9.28 3.72 -17.76
C THR B 209 -7.82 4.18 -17.58
N VAL B 210 -6.92 3.20 -17.53
CA VAL B 210 -5.51 3.48 -17.40
C VAL B 210 -4.84 3.01 -18.68
N PHE B 211 -4.19 3.95 -19.39
CA PHE B 211 -3.54 3.62 -20.64
C PHE B 211 -2.37 2.68 -20.35
N ARG B 212 -2.18 1.71 -21.24
CA ARG B 212 -1.16 0.69 -21.02
C ARG B 212 0.23 1.32 -21.06
N ASN B 213 0.42 2.27 -22.00
CA ASN B 213 1.73 2.84 -22.26
C ASN B 213 1.91 4.15 -21.50
N PRO B 214 3.09 4.32 -20.86
CA PRO B 214 3.42 5.57 -20.16
C PRO B 214 3.90 6.62 -21.16
N VAL B 215 3.84 7.89 -20.71
CA VAL B 215 4.50 8.96 -21.43
C VAL B 215 5.83 9.14 -20.70
N GLN B 216 6.75 9.85 -21.36
CA GLN B 216 7.99 10.23 -20.72
C GLN B 216 8.02 11.74 -20.53
N ILE B 217 8.62 12.14 -19.41
CA ILE B 217 9.02 13.51 -19.19
C ILE B 217 10.49 13.47 -18.75
N SER B 218 11.19 14.59 -18.85
CA SER B 218 12.60 14.59 -18.50
C SER B 218 12.80 14.59 -16.98
N GLN B 219 14.04 14.25 -16.56
CA GLN B 219 14.34 14.26 -15.14
C GLN B 219 14.08 15.66 -14.58
N GLU B 220 14.52 16.71 -15.30
CA GLU B 220 14.31 18.09 -14.87
C GLU B 220 12.80 18.37 -14.71
N GLN B 221 12.00 17.97 -15.72
CA GLN B 221 10.56 18.10 -15.60
C GLN B 221 10.01 17.40 -14.34
N LEU B 222 10.44 16.17 -14.08
CA LEU B 222 9.90 15.43 -12.96
C LEU B 222 10.31 16.13 -11.65
N LEU B 223 11.57 16.54 -11.59
CA LEU B 223 12.13 17.25 -10.46
C LEU B 223 11.28 18.48 -10.18
N ALA B 224 10.88 19.18 -11.26
CA ALA B 224 10.09 20.40 -11.11
C ALA B 224 8.72 20.06 -10.53
N LEU B 225 8.07 19.02 -11.05
CA LEU B 225 6.77 18.66 -10.52
C LEU B 225 6.89 18.34 -9.03
N GLU B 226 7.92 17.55 -8.67
CA GLU B 226 8.14 17.08 -7.31
C GLU B 226 8.48 18.20 -6.35
N THR B 227 9.11 19.27 -6.81
CA THR B 227 9.66 20.22 -5.85
C THR B 227 9.04 21.61 -5.96
N ALA B 228 8.21 21.86 -6.98
CA ALA B 228 7.75 23.23 -7.19
C ALA B 228 6.75 23.68 -6.13
N LEU B 229 5.92 22.78 -5.58
CA LEU B 229 4.74 23.28 -4.88
C LEU B 229 4.76 22.98 -3.38
N TYR B 230 4.05 23.83 -2.63
CA TYR B 230 3.75 23.64 -1.22
C TYR B 230 2.27 23.30 -1.09
N CYS B 231 1.89 22.54 -0.09
CA CYS B 231 0.45 22.23 0.02
C CYS B 231 -0.18 23.17 1.04
N THR B 232 0.57 24.15 1.52
CA THR B 232 0.05 25.06 2.52
C THR B 232 -0.22 26.43 1.87
N HIS B 233 -1.19 27.18 2.44
CA HIS B 233 -1.30 28.60 2.17
C HIS B 233 0.01 29.30 2.55
N MET B 234 0.29 30.37 1.84
CA MET B 234 1.52 31.13 2.00
C MET B 234 1.67 31.58 3.46
N ASP B 235 0.55 31.95 4.12
CA ASP B 235 0.65 32.51 5.46
C ASP B 235 0.65 31.43 6.53
N ASP B 236 0.71 30.14 6.15
CA ASP B 236 0.61 29.05 7.12
C ASP B 236 1.88 28.99 7.97
N PRO B 237 1.77 28.98 9.32
CA PRO B 237 2.96 28.90 10.19
C PRO B 237 3.72 27.58 10.14
N SER B 238 3.13 26.53 9.58
CA SER B 238 3.92 25.32 9.36
C SER B 238 3.83 24.90 7.88
N PRO B 239 4.69 25.46 7.01
CA PRO B 239 4.65 25.17 5.57
C PRO B 239 5.07 23.74 5.27
N ARG B 240 4.38 23.13 4.30
CA ARG B 240 4.62 21.74 3.91
C ARG B 240 4.78 21.68 2.39
N GLU B 241 5.86 21.07 1.92
CA GLU B 241 6.09 20.73 0.53
C GLU B 241 4.96 19.80 0.06
N MET B 242 4.54 19.97 -1.20
CA MET B 242 3.56 19.06 -1.74
C MET B 242 4.32 17.96 -2.46
N ILE B 243 4.49 16.84 -1.76
CA ILE B 243 5.17 15.66 -2.26
C ILE B 243 4.37 14.44 -1.79
N ASN B 244 4.62 13.31 -2.46
CA ASN B 244 4.02 12.04 -2.05
C ASN B 244 2.50 12.15 -1.99
N ASN B 245 1.89 12.83 -2.96
CA ASN B 245 0.46 13.13 -2.90
C ASN B 245 -0.31 12.05 -3.67
N PHE B 246 0.00 10.77 -3.35
CA PHE B 246 -0.61 9.61 -4.00
C PHE B 246 -1.14 8.67 -2.93
N ARG B 247 -2.17 7.90 -3.25
CA ARG B 247 -2.72 6.96 -2.27
C ARG B 247 -2.02 5.62 -2.45
N GLN B 248 -1.75 4.94 -1.31
CA GLN B 248 -1.21 3.59 -1.28
C GLN B 248 -2.21 2.72 -2.05
N VAL B 249 -1.74 1.60 -2.61
CA VAL B 249 -2.60 0.73 -3.40
C VAL B 249 -3.51 -0.03 -2.45
N GLN B 250 -4.69 -0.41 -2.98
CA GLN B 250 -5.74 -0.98 -2.16
C GLN B 250 -5.84 -2.47 -2.45
N LYS B 251 -6.31 -3.25 -1.46
CA LYS B 251 -6.59 -4.66 -1.75
C LYS B 251 -7.72 -4.75 -2.75
N PHE B 252 -7.59 -5.70 -3.68
CA PHE B 252 -8.51 -5.78 -4.80
C PHE B 252 -8.81 -7.26 -5.01
N ASP B 253 -9.72 -7.78 -4.19
CA ASP B 253 -9.81 -9.22 -3.98
C ASP B 253 -10.90 -9.82 -4.87
N GLU B 254 -10.52 -10.90 -5.59
CA GLU B 254 -11.38 -11.66 -6.49
C GLU B 254 -12.17 -10.72 -7.40
N ARG B 255 -11.54 -9.61 -7.79
CA ARG B 255 -12.05 -8.74 -8.84
C ARG B 255 -11.08 -8.80 -10.01
N LEU B 256 -11.60 -8.50 -11.20
CA LEU B 256 -10.79 -8.53 -12.41
C LEU B 256 -10.55 -7.10 -12.91
N VAL B 257 -9.41 -6.93 -13.57
CA VAL B 257 -9.16 -5.76 -14.39
C VAL B 257 -9.20 -6.23 -15.83
N TYR B 258 -10.03 -5.56 -16.64
CA TYR B 258 -10.18 -5.87 -18.04
C TYR B 258 -9.16 -5.08 -18.84
N THR B 259 -8.65 -5.71 -19.91
CA THR B 259 -7.65 -5.10 -20.76
C THR B 259 -8.17 -5.06 -22.20
N SER B 260 -7.82 -4.00 -22.92
CA SER B 260 -8.23 -3.90 -24.31
C SER B 260 -7.26 -4.66 -25.23
N PHE B 261 -6.14 -5.12 -24.64
CA PHE B 261 -5.09 -5.83 -25.36
C PHE B 261 -5.00 -7.24 -24.79
N SER B 262 -4.59 -8.23 -25.61
CA SER B 262 -4.54 -9.61 -25.15
C SER B 262 -3.13 -10.02 -24.73
N GLN B 263 -2.11 -9.28 -25.19
CA GLN B 263 -0.73 -9.53 -24.81
C GLN B 263 0.03 -8.19 -24.80
#